data_6GUV
#
_entry.id   6GUV
#
_cell.length_a   43.232
_cell.length_b   43.232
_cell.length_c   162.946
_cell.angle_alpha   90.00
_cell.angle_beta   90.00
_cell.angle_gamma   90.00
#
_symmetry.space_group_name_H-M   'P 41 21 2'
#
loop_
_entity.id
_entity.type
_entity.pdbx_description
1 polymer 'POZ (BTB) and AT hook-containing zinc finger 1'
2 water water
#
_entity_poly.entity_id   1
_entity_poly.type   'polypeptide(L)'
_entity_poly.pdbx_seq_one_letter_code
;MAHHHHHHSAALEVLFQGPGSGCYTYQVSRHSTEMLHNLNQQRKNGGRFCDVLLRVGDESFPAHRAVLAACSEYFESVFS
AQLGDGGAADGGPADVGGAAAAPGGGAGGSRELEMHTISSKVFGDILDFAYTSRIVVRLESFPELMTAAKFLLMRSVIEI
CQEVIKQSNVQILVP
;
_entity_poly.pdbx_strand_id   A
#
# COMPACT_ATOMS: atom_id res chain seq x y z
N ALA A 11 -26.22 -2.13 -2.47
CA ALA A 11 -24.92 -2.37 -3.10
C ALA A 11 -24.85 -1.69 -4.47
N LEU A 12 -26.02 -1.45 -5.07
CA LEU A 12 -26.12 -0.80 -6.36
C LEU A 12 -26.70 0.60 -6.19
N GLU A 13 -26.44 1.44 -7.20
CA GLU A 13 -26.87 2.84 -7.14
C GLU A 13 -26.87 3.43 -8.55
N VAL A 14 -27.99 4.04 -8.93
CA VAL A 14 -28.03 4.84 -10.14
C VAL A 14 -27.39 6.20 -9.83
N LEU A 15 -26.07 6.24 -9.89
CA LEU A 15 -25.34 7.48 -9.58
C LEU A 15 -25.75 8.60 -10.53
N PHE A 16 -25.99 8.27 -11.80
CA PHE A 16 -26.24 9.26 -12.83
C PHE A 16 -27.15 8.65 -13.89
N GLN A 17 -28.01 9.49 -14.46
CA GLN A 17 -28.93 9.06 -15.51
C GLN A 17 -28.27 9.03 -16.89
N GLY A 18 -26.99 8.67 -16.95
CA GLY A 18 -26.33 8.37 -18.19
C GLY A 18 -25.82 9.57 -18.96
N PRO A 19 -24.69 9.39 -19.65
CA PRO A 19 -24.13 10.49 -20.46
C PRO A 19 -25.07 10.97 -21.55
N GLY A 20 -25.85 10.08 -22.15
CA GLY A 20 -26.78 10.46 -23.20
C GLY A 20 -28.19 10.05 -22.91
N SER A 21 -28.96 9.78 -23.96
CA SER A 21 -30.34 9.34 -23.82
C SER A 21 -30.40 7.82 -23.83
N GLY A 22 -31.30 7.26 -23.03
CA GLY A 22 -31.40 5.82 -22.89
C GLY A 22 -30.23 5.15 -22.21
N CYS A 23 -29.18 5.89 -21.87
CA CYS A 23 -28.02 5.36 -21.16
C CYS A 23 -28.14 5.65 -19.67
N TYR A 24 -27.72 4.70 -18.85
CA TYR A 24 -27.74 4.81 -17.40
C TYR A 24 -26.36 4.49 -16.86
N THR A 25 -25.93 5.21 -15.83
CA THR A 25 -24.62 5.02 -15.21
C THR A 25 -24.81 4.50 -13.79
N TYR A 26 -24.40 3.26 -13.56
CA TYR A 26 -24.47 2.64 -12.25
C TYR A 26 -23.12 2.70 -11.55
N GLN A 27 -23.15 2.49 -10.24
CA GLN A 27 -21.93 2.45 -9.43
C GLN A 27 -22.10 1.43 -8.32
N VAL A 28 -21.06 0.62 -8.12
CA VAL A 28 -20.99 -0.34 -7.03
C VAL A 28 -19.96 0.20 -6.04
N SER A 29 -20.45 0.75 -4.92
CA SER A 29 -19.57 1.46 -4.00
C SER A 29 -18.54 0.52 -3.38
N ARG A 30 -18.92 -0.72 -3.10
CA ARG A 30 -18.01 -1.67 -2.45
C ARG A 30 -17.02 -2.28 -3.42
N HIS A 31 -17.05 -1.91 -4.70
CA HIS A 31 -16.29 -2.63 -5.71
C HIS A 31 -14.78 -2.50 -5.51
N SER A 32 -14.29 -1.29 -5.22
CA SER A 32 -12.86 -1.13 -5.04
C SER A 32 -12.37 -1.86 -3.80
N THR A 33 -13.17 -1.84 -2.74
CA THR A 33 -12.82 -2.60 -1.54
C THR A 33 -12.78 -4.09 -1.81
N GLU A 34 -13.77 -4.61 -2.54
CA GLU A 34 -13.77 -6.03 -2.87
C GLU A 34 -12.65 -6.39 -3.84
N MET A 35 -12.35 -5.49 -4.79
CA MET A 35 -11.24 -5.72 -5.71
C MET A 35 -9.94 -5.90 -4.95
N LEU A 36 -9.62 -4.96 -4.06
CA LEU A 36 -8.39 -5.06 -3.28
C LEU A 36 -8.39 -6.30 -2.40
N HIS A 37 -9.54 -6.61 -1.78
CA HIS A 37 -9.65 -7.82 -0.97
C HIS A 37 -9.36 -9.07 -1.79
N ASN A 38 -9.85 -9.13 -3.02
CA ASN A 38 -9.60 -10.31 -3.84
C ASN A 38 -8.14 -10.35 -4.30
N LEU A 39 -7.54 -9.19 -4.58
CA LEU A 39 -6.11 -9.17 -4.85
C LEU A 39 -5.32 -9.65 -3.65
N ASN A 40 -5.72 -9.22 -2.45
CA ASN A 40 -5.02 -9.64 -1.24
C ASN A 40 -5.18 -11.15 -1.01
N GLN A 41 -6.35 -11.70 -1.33
CA GLN A 41 -6.52 -13.14 -1.18
C GLN A 41 -5.70 -13.92 -2.19
N GLN A 42 -5.52 -13.37 -3.40
CA GLN A 42 -4.61 -13.96 -4.36
C GLN A 42 -3.20 -14.05 -3.78
N ARG A 43 -2.71 -12.93 -3.26
CA ARG A 43 -1.35 -12.86 -2.72
C ARG A 43 -1.16 -13.85 -1.59
N LYS A 44 -2.10 -13.87 -0.63
CA LYS A 44 -1.93 -14.67 0.58
C LYS A 44 -2.18 -16.15 0.34
N ASN A 45 -2.90 -16.50 -0.71
CA ASN A 45 -3.16 -17.91 -1.04
C ASN A 45 -2.21 -18.36 -2.15
N GLY A 46 -0.93 -18.46 -1.79
CA GLY A 46 0.09 -18.98 -2.68
C GLY A 46 0.71 -17.99 -3.63
N GLY A 47 0.24 -16.75 -3.65
CA GLY A 47 0.74 -15.80 -4.61
C GLY A 47 0.17 -16.01 -6.00
N ARG A 48 -1.13 -16.24 -6.08
CA ARG A 48 -1.80 -16.35 -7.37
C ARG A 48 -1.64 -15.05 -8.16
N PHE A 49 -1.29 -15.19 -9.44
CA PHE A 49 -1.17 -14.07 -10.39
C PHE A 49 -0.10 -13.06 -9.97
N CYS A 50 0.74 -13.41 -9.00
CA CYS A 50 1.82 -12.54 -8.56
C CYS A 50 3.04 -12.73 -9.46
N ASP A 51 3.64 -11.61 -9.88
CA ASP A 51 4.77 -11.65 -10.80
C ASP A 51 6.07 -11.14 -10.17
N VAL A 52 6.10 -10.96 -8.85
CA VAL A 52 7.32 -10.56 -8.17
C VAL A 52 7.34 -11.21 -6.81
N LEU A 53 8.53 -11.66 -6.41
CA LEU A 53 8.77 -12.23 -5.09
C LEU A 53 9.74 -11.30 -4.36
N LEU A 54 9.29 -10.77 -3.23
CA LEU A 54 10.08 -9.83 -2.44
C LEU A 54 10.66 -10.57 -1.24
N ARG A 55 11.98 -10.66 -1.20
CA ARG A 55 12.68 -11.37 -0.13
C ARG A 55 13.31 -10.35 0.81
N VAL A 56 12.96 -10.42 2.09
CA VAL A 56 13.52 -9.59 3.14
C VAL A 56 13.96 -10.52 4.24
N GLY A 57 15.26 -10.69 4.41
CA GLY A 57 15.76 -11.62 5.41
C GLY A 57 15.36 -13.05 5.07
N ASP A 58 14.82 -13.75 6.07
CA ASP A 58 14.45 -15.16 5.92
C ASP A 58 13.05 -15.35 5.35
N GLU A 59 12.38 -14.27 4.94
CA GLU A 59 11.00 -14.36 4.49
C GLU A 59 10.88 -13.84 3.06
N SER A 60 10.02 -14.50 2.28
CA SER A 60 9.72 -14.10 0.91
C SER A 60 8.27 -13.66 0.83
N PHE A 61 8.03 -12.59 0.08
CA PHE A 61 6.70 -12.02 -0.05
C PHE A 61 6.30 -11.98 -1.52
N PRO A 62 5.32 -12.76 -1.95
CA PRO A 62 4.79 -12.59 -3.31
C PRO A 62 3.89 -11.36 -3.39
N ALA A 63 3.85 -10.75 -4.56
CA ALA A 63 3.07 -9.53 -4.75
C ALA A 63 2.85 -9.32 -6.24
N HIS A 64 1.98 -8.36 -6.55
CA HIS A 64 1.72 -7.93 -7.91
C HIS A 64 2.51 -6.65 -8.18
N ARG A 65 3.27 -6.64 -9.27
CA ARG A 65 4.04 -5.45 -9.63
C ARG A 65 3.13 -4.24 -9.82
N ALA A 66 1.99 -4.44 -10.49
CA ALA A 66 1.08 -3.33 -10.76
C ALA A 66 0.52 -2.73 -9.47
N VAL A 67 0.32 -3.56 -8.44
CA VAL A 67 -0.26 -3.07 -7.20
C VAL A 67 0.78 -2.29 -6.39
N LEU A 68 2.02 -2.79 -6.36
CA LEU A 68 3.08 -2.05 -5.68
C LEU A 68 3.39 -0.74 -6.39
N ALA A 69 3.37 -0.76 -7.73
CA ALA A 69 3.63 0.46 -8.48
C ALA A 69 2.53 1.50 -8.25
N ALA A 70 1.30 1.06 -8.05
CA ALA A 70 0.18 1.97 -7.83
C ALA A 70 0.25 2.68 -6.49
N CYS A 71 1.00 2.17 -5.52
CA CYS A 71 1.10 2.86 -4.24
C CYS A 71 2.53 3.30 -3.88
N SER A 72 3.53 3.00 -4.70
CA SER A 72 4.91 3.29 -4.35
C SER A 72 5.66 3.80 -5.58
N GLU A 73 6.14 5.03 -5.51
CA GLU A 73 6.97 5.56 -6.60
C GLU A 73 8.26 4.78 -6.75
N TYR A 74 8.81 4.28 -5.63
CA TYR A 74 10.01 3.47 -5.70
C TYR A 74 9.78 2.18 -6.50
N PHE A 75 8.76 1.41 -6.13
CA PHE A 75 8.52 0.16 -6.85
C PHE A 75 8.14 0.42 -8.30
N GLU A 76 7.39 1.49 -8.56
CA GLU A 76 7.04 1.82 -9.93
C GLU A 76 8.28 2.00 -10.80
N SER A 77 9.29 2.69 -10.27
CA SER A 77 10.50 2.97 -11.02
C SER A 77 11.41 1.75 -11.11
N VAL A 78 11.51 0.97 -10.04
CA VAL A 78 12.39 -0.21 -10.05
C VAL A 78 11.91 -1.22 -11.09
N PHE A 79 10.60 -1.47 -11.11
CA PHE A 79 10.03 -2.41 -12.07
C PHE A 79 10.15 -1.92 -13.51
N SER A 80 10.21 -0.61 -13.71
CA SER A 80 10.35 -0.04 -15.05
C SER A 80 11.79 0.04 -15.52
N ALA A 81 12.76 -0.11 -14.61
CA ALA A 81 14.16 0.01 -14.95
C ALA A 81 14.92 -1.30 -14.85
N GLN A 82 14.26 -2.37 -14.39
CA GLN A 82 14.88 -3.69 -14.21
C GLN A 82 16.11 -3.61 -13.30
N LEU A 83 15.86 -3.17 -12.06
CA LEU A 83 16.93 -3.07 -11.07
C LEU A 83 16.48 -3.62 -9.70
N MET A 115 22.65 1.65 6.01
CA MET A 115 22.21 3.05 6.01
C MET A 115 20.71 3.15 6.27
N HIS A 116 19.94 2.18 5.77
CA HIS A 116 18.50 2.18 5.94
C HIS A 116 17.92 0.77 5.80
N THR A 117 18.38 -0.15 6.64
CA THR A 117 17.92 -1.54 6.56
C THR A 117 16.44 -1.65 6.95
N ILE A 118 15.73 -2.56 6.28
CA ILE A 118 14.31 -2.78 6.49
C ILE A 118 14.09 -4.22 6.91
N SER A 119 13.35 -4.43 7.99
CA SER A 119 13.10 -5.77 8.52
C SER A 119 11.87 -6.37 7.84
N SER A 120 11.81 -7.71 7.89
CA SER A 120 10.69 -8.40 7.26
C SER A 120 9.36 -8.10 7.96
N LYS A 121 9.39 -7.90 9.27
CA LYS A 121 8.16 -7.63 10.01
C LYS A 121 7.56 -6.29 9.59
N VAL A 122 8.37 -5.23 9.60
CA VAL A 122 7.86 -3.93 9.18
C VAL A 122 7.45 -3.96 7.72
N PHE A 123 8.22 -4.67 6.87
CA PHE A 123 7.87 -4.75 5.46
C PHE A 123 6.58 -5.54 5.24
N GLY A 124 6.32 -6.55 6.06
CA GLY A 124 5.07 -7.27 5.97
C GLY A 124 3.88 -6.40 6.34
N ASP A 125 4.07 -5.52 7.33
CA ASP A 125 3.02 -4.56 7.68
C ASP A 125 2.77 -3.57 6.54
N ILE A 126 3.83 -3.23 5.80
CA ILE A 126 3.67 -2.27 4.70
C ILE A 126 2.94 -2.91 3.52
N LEU A 127 3.28 -4.16 3.19
CA LEU A 127 2.51 -4.91 2.22
C LEU A 127 1.05 -5.04 2.65
N ASP A 128 0.83 -5.33 3.93
CA ASP A 128 -0.54 -5.44 4.43
C ASP A 128 -1.33 -4.17 4.19
N PHE A 129 -0.69 -3.01 4.36
CA PHE A 129 -1.39 -1.75 4.11
C PHE A 129 -1.73 -1.59 2.64
N ALA A 130 -0.79 -1.91 1.75
CA ALA A 130 -1.02 -1.75 0.33
C ALA A 130 -2.20 -2.60 -0.14
N TYR A 131 -2.40 -3.77 0.48
CA TYR A 131 -3.42 -4.72 0.05
C TYR A 131 -4.69 -4.66 0.88
N THR A 132 -4.72 -3.92 1.99
CA THR A 132 -5.90 -3.86 2.84
C THR A 132 -6.31 -2.45 3.24
N SER A 133 -5.48 -1.43 2.99
CA SER A 133 -5.65 -0.04 3.40
C SER A 133 -5.46 0.18 4.89
N ARG A 134 -5.00 -0.84 5.63
CA ARG A 134 -4.81 -0.74 7.07
C ARG A 134 -3.38 -1.14 7.42
N ILE A 135 -2.75 -0.35 8.29
CA ILE A 135 -1.38 -0.63 8.73
C ILE A 135 -1.34 -0.58 10.25
N VAL A 136 -0.55 -1.47 10.85
CA VAL A 136 -0.31 -1.47 12.28
C VAL A 136 0.95 -0.66 12.55
N VAL A 137 0.86 0.30 13.45
CA VAL A 137 1.99 1.12 13.87
C VAL A 137 2.44 0.62 15.24
N ARG A 138 3.64 0.05 15.30
CA ARG A 138 4.24 -0.39 16.54
C ARG A 138 5.26 0.64 16.99
N LEU A 139 5.17 1.09 18.24
CA LEU A 139 6.08 2.11 18.72
C LEU A 139 7.51 1.60 18.79
N GLU A 140 7.71 0.33 19.17
CA GLU A 140 9.07 -0.20 19.29
C GLU A 140 9.78 -0.24 17.95
N SER A 141 9.04 -0.33 16.84
CA SER A 141 9.62 -0.41 15.51
C SER A 141 9.21 0.76 14.62
N PHE A 142 8.70 1.83 15.22
CA PHE A 142 8.30 2.99 14.43
C PHE A 142 9.46 3.68 13.71
N PRO A 143 10.68 3.74 14.26
CA PRO A 143 11.80 4.26 13.45
C PRO A 143 12.03 3.47 12.17
N GLU A 144 11.90 2.14 12.23
CA GLU A 144 12.02 1.33 11.02
C GLU A 144 10.92 1.64 10.02
N LEU A 145 9.68 1.85 10.52
CA LEU A 145 8.58 2.16 9.62
C LEU A 145 8.82 3.46 8.88
N MET A 146 9.30 4.49 9.59
CA MET A 146 9.62 5.77 8.93
C MET A 146 10.69 5.57 7.86
N THR A 147 11.75 4.84 8.21
CA THR A 147 12.82 4.58 7.26
C THR A 147 12.29 3.88 6.00
N ALA A 148 11.46 2.85 6.19
CA ALA A 148 10.93 2.11 5.06
C ALA A 148 9.95 2.95 4.24
N ALA A 149 9.05 3.66 4.93
CA ALA A 149 8.06 4.47 4.22
C ALA A 149 8.72 5.53 3.37
N LYS A 150 9.79 6.14 3.87
CA LYS A 150 10.48 7.19 3.10
C LYS A 150 11.25 6.60 1.94
N PHE A 151 11.91 5.46 2.15
CA PHE A 151 12.65 4.83 1.05
C PHE A 151 11.70 4.27 -0.01
N LEU A 152 10.55 3.74 0.39
CA LEU A 152 9.62 3.19 -0.57
C LEU A 152 8.73 4.25 -1.20
N LEU A 153 8.78 5.49 -0.71
CA LEU A 153 8.01 6.61 -1.26
C LEU A 153 6.53 6.25 -1.40
N MET A 154 5.95 5.78 -0.30
CA MET A 154 4.52 5.49 -0.22
C MET A 154 3.87 6.63 0.57
N ARG A 155 3.18 7.52 -0.16
CA ARG A 155 2.70 8.76 0.44
C ARG A 155 1.77 8.50 1.62
N SER A 156 0.87 7.53 1.48
CA SER A 156 -0.11 7.29 2.53
C SER A 156 0.55 6.83 3.81
N VAL A 157 1.59 5.98 3.72
CA VAL A 157 2.31 5.55 4.90
C VAL A 157 3.15 6.70 5.46
N ILE A 158 3.69 7.54 4.60
CA ILE A 158 4.42 8.72 5.06
C ILE A 158 3.47 9.67 5.79
N GLU A 159 2.25 9.83 5.27
CA GLU A 159 1.28 10.70 5.95
C GLU A 159 0.86 10.11 7.30
N ILE A 160 0.77 8.78 7.41
CA ILE A 160 0.45 8.17 8.70
C ILE A 160 1.59 8.41 9.69
N CYS A 161 2.83 8.20 9.24
CA CYS A 161 3.99 8.51 10.07
C CYS A 161 3.95 9.96 10.56
N GLN A 162 3.66 10.89 9.65
CA GLN A 162 3.58 12.30 10.05
C GLN A 162 2.48 12.53 11.07
N GLU A 163 1.36 11.80 10.95
CA GLU A 163 0.27 11.95 11.91
C GLU A 163 0.68 11.44 13.28
N VAL A 164 1.41 10.32 13.33
CA VAL A 164 1.92 9.80 14.59
C VAL A 164 2.89 10.81 15.21
N ILE A 165 3.75 11.41 14.39
CA ILE A 165 4.67 12.44 14.86
C ILE A 165 3.89 13.62 15.43
N LYS A 166 2.83 14.04 14.73
CA LYS A 166 2.07 15.20 15.18
C LYS A 166 1.38 14.93 16.52
N GLN A 167 0.90 13.70 16.72
CA GLN A 167 0.21 13.37 17.96
C GLN A 167 1.13 13.35 19.16
N SER A 168 2.44 13.30 18.96
CA SER A 168 3.38 13.32 20.08
C SER A 168 3.53 14.69 20.71
N ASN A 169 3.03 15.74 20.05
CA ASN A 169 3.15 17.13 20.49
C ASN A 169 4.59 17.62 20.48
N VAL A 170 5.50 16.92 19.81
CA VAL A 170 6.89 17.37 19.70
C VAL A 170 7.17 17.77 18.27
N GLN A 171 7.00 19.05 17.96
CA GLN A 171 7.25 19.55 16.61
C GLN A 171 8.74 19.72 16.36
N ILE A 172 9.18 19.31 15.17
CA ILE A 172 10.59 19.30 14.80
C ILE A 172 10.78 20.34 13.70
N LEU A 173 11.47 21.44 14.03
CA LEU A 173 11.71 22.53 13.11
C LEU A 173 13.21 22.65 12.84
N VAL A 174 13.58 22.56 11.58
CA VAL A 174 14.99 22.66 11.19
C VAL A 174 15.21 23.99 10.48
N PRO A 175 15.71 25.02 11.18
CA PRO A 175 15.97 26.33 10.56
C PRO A 175 17.19 26.30 9.63
#